data_3SRV
#
_entry.id   3SRV
#
_cell.length_a   40.124
_cell.length_b   42.316
_cell.length_c   87.621
_cell.angle_alpha   99.680
_cell.angle_beta   90.160
_cell.angle_gamma   100.190
#
_symmetry.space_group_name_H-M   'P 1'
#
loop_
_entity.id
_entity.type
_entity.pdbx_description
1 polymer 'Tyrosine-protein kinase SYK'
2 polymer 'Tyrosine-protein kinase SYK'
3 non-polymer 2-{[(3R,4R)-3-aminotetrahydro-2H-pyran-4-yl]amino}-4-[(4-methylphenyl)amino]pyrimidine-5-carboxamide
4 non-polymer GLYCEROL
5 water water
#
loop_
_entity_poly.entity_id
_entity_poly.type
_entity_poly.pdbx_seq_one_letter_code
_entity_poly.pdbx_strand_id
1 'polypeptide(L)'
;GPKEVYLDRKLLTLEDKELGSGNFGTVKKGYYQMKKVVKTVAVKILKNEANDPALKDELLAEANVMQQLDNPYIVRMIGI
CEAESWMLVMEMAELGPLNKYLQQNRHVKDKNIIELVHQVSMGMKYLEESNFVHRDLAARNVLLVTQHYAKISDFGLSKA
LRADEN(PTR)YKAQTHGKWPVKWYAPECINYYKFSSKSDVWSFGVLMWEAFSYGQKPYRGMKGSEVTAMLEKGERMGCP
AGCPREMYDLMNLCWTYDVENRPGFAAVELRLRNYYYDVVN
;
A
2 'polypeptide(L)'
;GPKEVYLDRKLLTLEDKELGSGNFGTVKKGYYQMKKVVKTVAVKILKNEANDPALKDELLAEANVMQQLDNPYIVRMIGI
CEAESWMLVMEMAELGPLNKYLQQNRHVKDKNIIELVHQVSMGMKYLEESNFVHRDLAARNVLLVTQHYAKISDFGLSKA
LRADENYYKAQTHGKWPVKWYAPECINYYKFSSKSDVWSFGVLMWEAFSYGQKPYRGMKGSEVTAMLEKGERMGCPAGCP
REMYDLMNLCWTYDVENRPGFAAVELRLRNYYYDVVN
;
B
#
loop_
_chem_comp.id
_chem_comp.type
_chem_comp.name
_chem_comp.formula
GOL non-polymer GLYCEROL 'C3 H8 O3'
S19 non-polymer 2-{[(3R,4R)-3-aminotetrahydro-2H-pyran-4-yl]amino}-4-[(4-methylphenyl)amino]pyrimidine-5-carboxamide 'C17 H22 N6 O2'
#
# COMPACT_ATOMS: atom_id res chain seq x y z
N TYR A 6 1.22 -0.10 -26.51
CA TYR A 6 -0.08 -0.54 -25.93
C TYR A 6 0.11 -1.69 -24.93
N LEU A 7 -0.82 -1.79 -23.98
CA LEU A 7 -0.72 -2.76 -22.89
C LEU A 7 -1.66 -3.94 -23.10
N ASP A 8 -1.14 -5.17 -22.88
CA ASP A 8 -1.94 -6.40 -22.98
C ASP A 8 -2.87 -6.50 -21.79
N ARG A 9 -4.17 -6.58 -22.07
CA ARG A 9 -5.17 -6.64 -21.02
C ARG A 9 -5.08 -7.85 -20.07
N LYS A 10 -4.57 -8.99 -20.56
CA LYS A 10 -4.45 -10.21 -19.73
C LYS A 10 -3.36 -10.10 -18.65
N LEU A 11 -2.43 -9.16 -18.82
CA LEU A 11 -1.41 -8.85 -17.83
C LEU A 11 -1.84 -7.76 -16.81
N LEU A 12 -3.10 -7.33 -16.87
CA LEU A 12 -3.61 -6.31 -15.96
C LEU A 12 -4.79 -6.85 -15.16
N THR A 13 -4.74 -6.66 -13.83
CA THR A 13 -5.83 -7.03 -12.94
C THR A 13 -6.37 -5.79 -12.25
N LEU A 14 -7.67 -5.65 -12.16
CA LEU A 14 -8.29 -4.48 -11.54
C LEU A 14 -9.07 -4.81 -10.27
N GLU A 15 -8.84 -4.07 -9.19
CA GLU A 15 -9.73 -4.13 -8.03
C GLU A 15 -11.01 -3.42 -8.45
N ASP A 16 -12.18 -3.84 -7.97
CA ASP A 16 -13.41 -3.17 -8.42
C ASP A 16 -13.91 -2.04 -7.51
N LYS A 17 -13.18 -1.76 -6.42
CA LYS A 17 -13.52 -0.62 -5.58
C LYS A 17 -13.00 0.65 -6.27
N GLU A 18 -13.83 1.69 -6.30
CA GLU A 18 -13.47 2.96 -6.97
C GLU A 18 -12.69 3.90 -6.07
N LEU A 19 -11.47 4.21 -6.48
CA LEU A 19 -10.64 5.19 -5.79
C LEU A 19 -11.25 6.58 -6.00
N GLY A 20 -11.77 6.83 -7.20
CA GLY A 20 -12.39 8.12 -7.55
C GLY A 20 -13.34 8.08 -8.73
N ASN A 23 -16.54 12.91 -14.67
CA ASN A 23 -17.23 12.54 -15.91
C ASN A 23 -16.34 11.83 -16.96
N PHE A 24 -15.02 11.87 -16.76
CA PHE A 24 -14.07 11.06 -17.54
C PHE A 24 -14.36 9.57 -17.29
N GLY A 25 -14.87 9.28 -16.09
CA GLY A 25 -15.23 7.94 -15.68
C GLY A 25 -14.75 7.68 -14.26
N THR A 26 -14.06 6.56 -14.07
CA THR A 26 -13.58 6.20 -12.74
C THR A 26 -12.06 5.93 -12.75
N VAL A 27 -11.50 5.92 -11.54
CA VAL A 27 -10.10 5.56 -11.32
C VAL A 27 -10.13 4.32 -10.44
N LYS A 28 -9.45 3.27 -10.88
CA LYS A 28 -9.37 2.04 -10.11
C LYS A 28 -7.90 1.65 -9.88
N LYS A 29 -7.66 0.96 -8.79
CA LYS A 29 -6.37 0.41 -8.48
C LYS A 29 -6.27 -0.92 -9.17
N GLY A 30 -5.07 -1.28 -9.60
CA GLY A 30 -4.83 -2.54 -10.24
C GLY A 30 -3.37 -2.91 -10.16
N TYR A 31 -3.02 -4.02 -10.79
CA TYR A 31 -1.66 -4.54 -10.77
C TYR A 31 -1.33 -4.89 -12.19
N TYR A 32 -0.12 -4.58 -12.61
CA TYR A 32 0.29 -4.86 -13.96
C TYR A 32 1.60 -5.62 -13.91
N GLN A 33 1.58 -6.83 -14.47
CA GLN A 33 2.73 -7.70 -14.48
C GLN A 33 3.72 -7.20 -15.53
N MET A 34 4.92 -6.81 -15.08
CA MET A 34 5.98 -6.26 -15.92
C MET A 34 7.26 -7.08 -15.77
N LYS A 35 7.57 -7.89 -16.79
CA LYS A 35 8.70 -8.84 -16.75
C LYS A 35 8.56 -9.85 -15.58
N LYS A 36 9.42 -9.73 -14.55
CA LYS A 36 9.47 -10.69 -13.44
C LYS A 36 8.67 -10.26 -12.19
N VAL A 37 8.06 -9.07 -12.24
CA VAL A 37 7.36 -8.50 -11.09
C VAL A 37 6.01 -7.94 -11.46
N VAL A 38 5.28 -7.47 -10.45
CA VAL A 38 4.07 -6.71 -10.65
C VAL A 38 4.34 -5.26 -10.26
N LYS A 39 3.65 -4.34 -10.93
CA LYS A 39 3.71 -2.93 -10.62
C LYS A 39 2.29 -2.54 -10.22
N THR A 40 2.15 -1.87 -9.09
CA THR A 40 0.87 -1.34 -8.63
C THR A 40 0.50 -0.11 -9.49
N VAL A 41 -0.69 -0.08 -10.05
CA VAL A 41 -1.05 0.99 -10.97
C VAL A 41 -2.34 1.68 -10.60
N ALA A 42 -2.49 2.91 -11.07
CA ALA A 42 -3.74 3.63 -10.98
C ALA A 42 -4.24 3.67 -12.41
N VAL A 43 -5.52 3.41 -12.62
CA VAL A 43 -6.06 3.26 -13.97
C VAL A 43 -7.28 4.13 -14.18
N LYS A 44 -7.19 5.02 -15.18
CA LYS A 44 -8.31 5.85 -15.56
C LYS A 44 -9.09 5.08 -16.63
N ILE A 45 -10.36 4.84 -16.34
CA ILE A 45 -11.25 4.00 -17.16
C ILE A 45 -12.36 4.85 -17.78
N LEU A 46 -12.53 4.76 -19.09
CA LEU A 46 -13.57 5.54 -19.79
C LEU A 46 -15.00 5.00 -19.60
N LYS A 47 -15.93 5.88 -19.23
CA LYS A 47 -17.33 5.49 -19.05
C LYS A 47 -18.10 5.52 -20.37
N ALA A 54 -16.29 11.09 -29.08
CA ALA A 54 -15.58 12.29 -28.68
C ALA A 54 -14.69 12.02 -27.46
N LEU A 55 -15.26 11.35 -26.45
CA LEU A 55 -14.57 11.04 -25.19
C LEU A 55 -13.39 10.08 -25.31
N LYS A 56 -13.39 9.22 -26.32
CA LYS A 56 -12.25 8.36 -26.61
C LYS A 56 -11.01 9.23 -26.93
N ASP A 57 -11.20 10.22 -27.80
CA ASP A 57 -10.11 11.11 -28.24
C ASP A 57 -9.48 11.91 -27.09
N GLU A 58 -10.30 12.28 -26.11
CA GLU A 58 -9.83 13.03 -24.91
C GLU A 58 -8.86 12.23 -24.04
N LEU A 59 -9.13 10.93 -23.86
CA LEU A 59 -8.27 10.11 -23.02
C LEU A 59 -6.95 9.87 -23.73
N LEU A 60 -7.06 9.54 -25.01
CA LEU A 60 -5.85 9.34 -25.83
C LEU A 60 -5.07 10.66 -25.96
N ALA A 61 -5.76 11.80 -25.87
CA ALA A 61 -5.10 13.12 -25.84
C ALA A 61 -4.39 13.35 -24.49
N GLU A 62 -5.06 12.97 -23.41
CA GLU A 62 -4.47 13.06 -22.08
C GLU A 62 -3.24 12.16 -22.00
N ALA A 63 -3.33 10.93 -22.52
CA ALA A 63 -2.19 10.03 -22.61
C ALA A 63 -1.07 10.58 -23.47
N ASN A 64 -1.39 11.24 -24.57
CA ASN A 64 -0.35 11.81 -25.43
C ASN A 64 0.43 12.93 -24.70
N VAL A 65 -0.24 13.73 -23.86
CA VAL A 65 0.46 14.76 -23.08
C VAL A 65 1.37 14.12 -22.03
N MET A 66 0.87 13.12 -21.33
CA MET A 66 1.65 12.44 -20.28
C MET A 66 2.89 11.72 -20.85
N GLN A 67 2.73 11.13 -22.02
CA GLN A 67 3.84 10.44 -22.70
C GLN A 67 5.02 11.38 -22.97
N GLN A 68 4.73 12.65 -23.19
CA GLN A 68 5.74 13.62 -23.55
C GLN A 68 6.45 14.19 -22.34
N LEU A 69 5.94 13.95 -21.14
CA LEU A 69 6.53 14.57 -19.95
C LEU A 69 7.37 13.60 -19.18
N ASP A 70 8.51 14.05 -18.70
CA ASP A 70 9.40 13.22 -17.91
C ASP A 70 10.04 14.07 -16.84
N ASN A 71 9.56 13.95 -15.60
CA ASN A 71 10.03 14.80 -14.49
C ASN A 71 9.66 14.12 -13.15
N PRO A 72 10.52 14.24 -12.13
CA PRO A 72 10.21 13.51 -10.90
C PRO A 72 8.95 13.98 -10.17
N TYR A 73 8.44 15.18 -10.49
CA TYR A 73 7.23 15.72 -9.84
C TYR A 73 5.95 15.67 -10.70
N ILE A 74 5.96 14.83 -11.73
CA ILE A 74 4.79 14.59 -12.58
C ILE A 74 4.53 13.08 -12.65
N VAL A 75 3.29 12.67 -12.47
CA VAL A 75 2.92 11.25 -12.57
C VAL A 75 3.35 10.58 -13.90
N ARG A 76 3.95 9.40 -13.80
CA ARG A 76 4.40 8.65 -14.96
C ARG A 76 3.28 7.74 -15.42
N MET A 77 2.97 7.78 -16.72
CA MET A 77 2.01 6.89 -17.36
C MET A 77 2.72 5.61 -17.77
N ILE A 78 2.08 4.45 -17.57
CA ILE A 78 2.70 3.18 -17.99
C ILE A 78 2.39 2.95 -19.47
N GLY A 79 1.13 3.13 -19.84
CA GLY A 79 0.71 3.01 -21.23
C GLY A 79 -0.80 3.05 -21.28
N ILE A 80 -1.37 2.89 -22.47
CA ILE A 80 -2.83 2.86 -22.64
C ILE A 80 -3.26 1.39 -22.84
N CYS A 81 -4.50 1.07 -22.49
CA CYS A 81 -5.00 -0.31 -22.62
C CYS A 81 -6.40 -0.37 -23.26
N GLU A 82 -6.42 -0.86 -24.50
CA GLU A 82 -7.65 -1.05 -25.26
C GLU A 82 -8.24 -2.41 -24.85
N ALA A 83 -9.33 -2.38 -24.08
CA ALA A 83 -9.98 -3.61 -23.63
C ALA A 83 -11.50 -3.40 -23.58
N GLU A 84 -12.16 -3.86 -22.52
CA GLU A 84 -13.61 -3.67 -22.37
C GLU A 84 -13.95 -2.17 -22.47
N SER A 85 -12.95 -1.34 -22.19
CA SER A 85 -13.03 0.11 -22.42
C SER A 85 -11.61 0.63 -22.47
N TRP A 86 -11.44 1.84 -22.96
CA TRP A 86 -10.10 2.43 -23.05
C TRP A 86 -9.61 2.79 -21.65
N MET A 87 -8.32 2.61 -21.42
CA MET A 87 -7.74 2.80 -20.11
C MET A 87 -6.38 3.43 -20.18
N LEU A 88 -6.14 4.38 -19.28
CA LEU A 88 -4.86 5.05 -19.15
C LEU A 88 -4.26 4.47 -17.87
N VAL A 89 -3.15 3.75 -18.02
CA VAL A 89 -2.54 3.05 -16.90
C VAL A 89 -1.37 3.87 -16.38
N MET A 90 -1.40 4.21 -15.10
CA MET A 90 -0.35 5.05 -14.52
C MET A 90 0.30 4.42 -13.28
N GLU A 91 1.51 4.85 -12.94
CA GLU A 91 2.13 4.46 -11.68
C GLU A 91 1.22 4.99 -10.54
N MET A 92 0.84 4.11 -9.63
CA MET A 92 -0.02 4.43 -8.48
C MET A 92 0.68 5.30 -7.42
N ALA A 93 0.06 6.41 -7.02
CA ALA A 93 0.57 7.28 -5.94
C ALA A 93 -0.27 6.92 -4.71
N GLU A 94 0.29 6.12 -3.83
CA GLU A 94 -0.54 5.40 -2.87
C GLU A 94 -1.26 6.22 -1.83
N LEU A 95 -0.67 7.33 -1.41
CA LEU A 95 -1.34 8.22 -0.45
C LEU A 95 -2.55 8.98 -1.04
N GLY A 96 -2.61 9.11 -2.37
CA GLY A 96 -3.79 9.71 -3.00
C GLY A 96 -3.77 11.23 -3.06
N PRO A 97 -4.92 11.85 -3.38
CA PRO A 97 -5.01 13.29 -3.56
C PRO A 97 -4.66 14.09 -2.30
N LEU A 98 -3.86 15.14 -2.49
CA LEU A 98 -3.39 16.05 -1.44
C LEU A 98 -4.51 16.63 -0.59
N ASN A 99 -5.59 17.08 -1.22
CA ASN A 99 -6.68 17.72 -0.46
C ASN A 99 -7.28 16.75 0.56
N LYS A 100 -7.57 15.54 0.14
CA LYS A 100 -8.15 14.52 1.01
C LYS A 100 -7.19 14.08 2.12
N TYR A 101 -5.90 13.97 1.77
CA TYR A 101 -4.90 13.59 2.74
C TYR A 101 -4.81 14.62 3.86
N LEU A 102 -4.75 15.89 3.49
CA LEU A 102 -4.61 16.92 4.50
C LEU A 102 -5.86 17.03 5.37
N GLN A 103 -7.03 16.71 4.78
CA GLN A 103 -8.31 16.71 5.51
C GLN A 103 -8.27 15.66 6.62
N GLN A 104 -7.63 14.53 6.33
CA GLN A 104 -7.51 13.42 7.27
C GLN A 104 -6.22 13.43 8.09
N ASN A 105 -5.32 14.39 7.85
CA ASN A 105 -4.04 14.45 8.55
C ASN A 105 -3.69 15.89 8.94
N ARG A 106 -4.41 16.37 9.94
CA ARG A 106 -4.32 17.77 10.39
C ARG A 106 -3.07 18.07 11.20
N HIS A 107 -2.38 17.01 11.61
CA HIS A 107 -1.07 17.11 12.30
C HIS A 107 0.09 17.50 11.38
N VAL A 108 -0.08 17.39 10.06
CA VAL A 108 1.03 17.67 9.12
C VAL A 108 1.58 19.06 9.37
N LYS A 109 2.88 19.15 9.56
CA LYS A 109 3.55 20.40 9.89
C LYS A 109 3.72 21.37 8.69
N ASP A 110 3.79 22.66 9.00
CA ASP A 110 3.93 23.69 7.98
C ASP A 110 5.18 23.54 7.11
N LYS A 111 6.29 23.08 7.69
CA LYS A 111 7.48 22.81 6.91
C LYS A 111 7.22 21.71 5.87
N ASN A 112 6.40 20.73 6.25
CA ASN A 112 6.03 19.61 5.39
C ASN A 112 5.13 20.09 4.23
N ILE A 113 4.25 21.02 4.54
CA ILE A 113 3.39 21.58 3.49
C ILE A 113 4.19 22.44 2.55
N ILE A 114 5.17 23.16 3.08
CA ILE A 114 6.04 24.00 2.25
C ILE A 114 6.82 23.11 1.31
N GLU A 115 7.31 22.00 1.84
CA GLU A 115 8.09 21.04 1.06
C GLU A 115 7.27 20.50 -0.10
N LEU A 116 6.03 20.12 0.17
CA LEU A 116 5.16 19.58 -0.89
C LEU A 116 4.73 20.61 -1.97
N VAL A 117 4.42 21.84 -1.58
CA VAL A 117 4.01 22.81 -2.59
C VAL A 117 5.22 23.24 -3.39
N HIS A 118 6.37 23.29 -2.74
CA HIS A 118 7.61 23.56 -3.49
C HIS A 118 7.81 22.49 -4.57
N GLN A 119 7.57 21.23 -4.23
CA GLN A 119 7.65 20.17 -5.21
C GLN A 119 6.68 20.37 -6.38
N VAL A 120 5.44 20.77 -6.07
CA VAL A 120 4.50 21.10 -7.15
C VAL A 120 5.03 22.23 -8.03
N SER A 121 5.65 23.27 -7.43
CA SER A 121 6.23 24.38 -8.19
C SER A 121 7.43 23.95 -9.08
N MET A 122 8.14 22.90 -8.68
CA MET A 122 9.26 22.38 -9.50
C MET A 122 8.71 21.66 -10.72
N GLY A 123 7.69 20.85 -10.51
CA GLY A 123 6.96 20.20 -11.58
C GLY A 123 6.34 21.19 -12.57
N MET A 124 5.77 22.29 -12.01
CA MET A 124 5.13 23.31 -12.84
C MET A 124 6.17 24.13 -13.58
N LYS A 125 7.32 24.38 -12.96
CA LYS A 125 8.39 25.06 -13.66
C LYS A 125 8.82 24.23 -14.89
N TYR A 126 8.89 22.90 -14.74
CA TYR A 126 9.19 21.96 -15.84
C TYR A 126 8.12 22.05 -16.93
N LEU A 127 6.86 22.01 -16.52
CA LEU A 127 5.74 22.14 -17.47
C LEU A 127 5.86 23.45 -18.27
N GLU A 128 6.16 24.55 -17.58
CA GLU A 128 6.30 25.87 -18.20
C GLU A 128 7.48 25.90 -19.19
N GLU A 129 8.62 25.35 -18.80
CA GLU A 129 9.77 25.22 -19.71
C GLU A 129 9.44 24.38 -20.96
N SER A 130 8.63 23.35 -20.78
CA SER A 130 8.19 22.45 -21.86
C SER A 130 7.02 23.02 -22.66
N ASN A 131 6.57 24.22 -22.29
CA ASN A 131 5.51 24.93 -22.99
C ASN A 131 4.16 24.17 -23.00
N PHE A 132 3.82 23.59 -21.85
CA PHE A 132 2.54 22.95 -21.61
C PHE A 132 1.77 23.76 -20.57
N VAL A 133 0.45 23.92 -20.79
CA VAL A 133 -0.42 24.54 -19.76
C VAL A 133 -1.25 23.39 -19.17
N HIS A 134 -1.42 23.38 -17.86
CA HIS A 134 -2.01 22.25 -17.18
C HIS A 134 -3.54 22.37 -17.23
N ARG A 135 -4.02 23.55 -16.85
CA ARG A 135 -5.45 23.95 -16.91
C ARG A 135 -6.37 23.30 -15.87
N ASP A 136 -5.82 22.54 -14.96
CA ASP A 136 -6.64 21.98 -13.87
C ASP A 136 -5.82 21.80 -12.63
N LEU A 137 -4.98 22.78 -12.32
CA LEU A 137 -4.06 22.68 -11.20
C LEU A 137 -4.77 23.02 -9.88
N ALA A 138 -5.06 21.96 -9.12
CA ALA A 138 -5.82 22.06 -7.87
C ALA A 138 -5.24 21.02 -6.90
N ALA A 139 -5.50 21.18 -5.59
CA ALA A 139 -4.99 20.23 -4.62
C ALA A 139 -5.49 18.77 -4.86
N ARG A 140 -6.70 18.61 -5.40
CA ARG A 140 -7.20 17.30 -5.81
C ARG A 140 -6.36 16.60 -6.92
N ASN A 141 -5.62 17.36 -7.72
CA ASN A 141 -4.79 16.83 -8.82
C ASN A 141 -3.31 16.85 -8.48
N VAL A 142 -3.03 16.92 -7.19
CA VAL A 142 -1.69 16.67 -6.69
C VAL A 142 -1.75 15.34 -5.96
N LEU A 143 -0.86 14.42 -6.33
CA LEU A 143 -0.87 13.08 -5.72
C LEU A 143 0.36 12.86 -4.89
N LEU A 144 0.16 12.19 -3.76
CA LEU A 144 1.23 11.95 -2.84
C LEU A 144 1.77 10.55 -3.02
N VAL A 145 3.05 10.45 -3.37
CA VAL A 145 3.71 9.15 -3.44
C VAL A 145 4.06 8.73 -2.00
N THR A 146 4.56 9.69 -1.21
CA THR A 146 4.76 9.56 0.25
C THR A 146 4.30 10.90 0.90
N GLN A 147 4.43 11.02 2.22
CA GLN A 147 4.04 12.27 2.88
C GLN A 147 5.01 13.39 2.54
N HIS A 148 6.15 13.03 1.94
CA HIS A 148 7.18 13.99 1.57
C HIS A 148 7.48 13.96 0.07
N TYR A 149 6.53 13.49 -0.73
CA TYR A 149 6.78 13.38 -2.16
C TYR A 149 5.47 13.51 -2.93
N ALA A 150 5.26 14.66 -3.56
CA ALA A 150 4.03 14.99 -4.30
C ALA A 150 4.32 14.97 -5.79
N LYS A 151 3.31 14.55 -6.56
CA LYS A 151 3.36 14.55 -8.01
C LYS A 151 2.08 15.14 -8.57
N ILE A 152 2.24 15.92 -9.63
CA ILE A 152 1.12 16.46 -10.37
C ILE A 152 0.52 15.40 -11.33
N SER A 153 -0.81 15.37 -11.38
CA SER A 153 -1.49 14.46 -12.29
CA SER A 153 -1.52 14.45 -12.24
C SER A 153 -2.66 15.17 -12.97
N ASP A 154 -3.47 14.39 -13.70
CA ASP A 154 -4.71 14.86 -14.30
C ASP A 154 -4.50 15.92 -15.38
N PHE A 155 -4.00 15.44 -16.51
CA PHE A 155 -3.71 16.26 -17.67
C PHE A 155 -4.82 16.25 -18.70
N GLY A 156 -6.06 15.99 -18.27
CA GLY A 156 -7.25 15.95 -19.16
C GLY A 156 -7.63 17.24 -19.87
N LEU A 157 -7.27 18.38 -19.28
CA LEU A 157 -7.48 19.69 -19.91
C LEU A 157 -6.17 20.31 -20.45
N SER A 158 -5.06 19.61 -20.30
CA SER A 158 -3.78 20.20 -20.65
C SER A 158 -3.58 20.36 -22.15
N LYS A 159 -2.73 21.32 -22.52
CA LYS A 159 -2.45 21.59 -23.92
C LYS A 159 -0.97 21.85 -24.12
N ALA A 160 -0.44 21.37 -25.23
CA ALA A 160 0.91 21.74 -25.62
C ALA A 160 0.77 23.02 -26.43
N LEU A 161 1.39 24.09 -25.96
CA LEU A 161 1.38 25.35 -26.66
C LEU A 161 2.21 25.23 -27.94
N ARG A 162 1.80 25.99 -28.97
CA ARG A 162 2.53 26.13 -30.24
CA ARG A 162 2.57 26.03 -30.20
C ARG A 162 3.88 26.80 -30.01
N ALA A 163 4.85 26.51 -30.86
CA ALA A 163 6.18 27.08 -30.73
C ALA A 163 6.20 28.60 -30.66
N ASP A 164 5.22 29.25 -31.30
CA ASP A 164 5.19 30.70 -31.41
C ASP A 164 4.10 31.38 -30.56
N GLU A 165 3.51 30.67 -29.61
CA GLU A 165 2.40 31.24 -28.83
C GLU A 165 2.63 31.03 -27.36
N ASN A 166 2.14 31.94 -26.52
CA ASN A 166 2.29 31.69 -25.07
C ASN A 166 0.97 31.52 -24.32
N PTR A 167 -0.11 31.28 -25.07
CA PTR A 167 -1.39 30.93 -24.49
C PTR A 167 -2.19 30.04 -25.44
O PTR A 167 -1.94 30.02 -26.65
CB PTR A 167 -2.16 32.21 -24.09
CG PTR A 167 -2.65 33.02 -25.26
CD1 PTR A 167 -3.80 32.66 -25.95
CD2 PTR A 167 -1.95 34.13 -25.70
CE1 PTR A 167 -4.27 33.40 -27.02
CE2 PTR A 167 -2.39 34.87 -26.79
CZ PTR A 167 -3.55 34.50 -27.45
OH PTR A 167 -3.99 35.12 -28.43
P PTR A 167 -3.90 36.72 -28.58
O1P PTR A 167 -2.48 37.12 -28.85
O2P PTR A 167 -4.40 37.40 -27.29
O3P PTR A 167 -4.77 37.17 -29.79
N TYR A 168 -3.11 29.29 -24.86
CA TYR A 168 -4.05 28.46 -25.58
C TYR A 168 -5.38 29.19 -25.48
N LYS A 169 -6.05 29.32 -26.62
CA LYS A 169 -7.33 29.99 -26.72
C LYS A 169 -8.40 28.93 -26.77
N ALA A 170 -9.27 28.93 -25.75
CA ALA A 170 -10.31 27.93 -25.65
C ALA A 170 -11.48 28.25 -26.58
N GLN A 171 -11.99 27.21 -27.23
CA GLN A 171 -13.20 27.28 -28.06
C GLN A 171 -14.28 26.49 -27.30
N THR A 172 -13.92 25.26 -26.94
CA THR A 172 -14.78 24.34 -26.17
C THR A 172 -15.07 24.91 -24.78
N HIS A 173 -16.35 25.18 -24.50
CA HIS A 173 -16.76 25.73 -23.21
C HIS A 173 -17.55 24.74 -22.37
N GLY A 174 -16.86 23.74 -21.83
CA GLY A 174 -17.46 22.76 -20.92
C GLY A 174 -17.62 23.34 -19.51
N LYS A 175 -17.87 22.48 -18.54
CA LYS A 175 -17.94 22.87 -17.14
C LYS A 175 -16.49 23.05 -16.61
N TRP A 176 -16.10 24.27 -16.28
CA TRP A 176 -14.71 24.55 -15.86
C TRP A 176 -14.55 24.71 -14.35
N PRO A 177 -13.33 24.43 -13.83
CA PRO A 177 -12.99 24.60 -12.43
C PRO A 177 -12.72 26.09 -12.17
N VAL A 178 -13.80 26.87 -12.25
CA VAL A 178 -13.73 28.33 -12.23
C VAL A 178 -13.04 28.91 -11.02
N LYS A 179 -13.16 28.25 -9.88
CA LYS A 179 -12.56 28.72 -8.65
C LYS A 179 -11.02 28.68 -8.67
N TRP A 180 -10.44 27.96 -9.63
CA TRP A 180 -8.99 27.85 -9.76
C TRP A 180 -8.49 28.68 -10.93
N TYR A 181 -9.39 29.34 -11.66
CA TYR A 181 -9.01 30.06 -12.88
C TYR A 181 -8.76 31.56 -12.69
N ALA A 182 -7.78 32.04 -13.45
CA ALA A 182 -7.39 33.45 -13.43
C ALA A 182 -8.48 34.21 -14.20
N PRO A 183 -8.60 35.52 -13.95
CA PRO A 183 -9.55 36.40 -14.64
C PRO A 183 -9.45 36.36 -16.15
N GLU A 184 -8.22 36.27 -16.69
CA GLU A 184 -8.09 36.22 -18.15
C GLU A 184 -8.67 34.93 -18.81
N CYS A 185 -8.68 33.81 -18.07
CA CYS A 185 -9.26 32.55 -18.52
C CYS A 185 -10.79 32.68 -18.55
N ILE A 186 -11.34 33.29 -17.52
CA ILE A 186 -12.81 33.45 -17.43
C ILE A 186 -13.32 34.44 -18.46
N ASN A 187 -12.68 35.59 -18.55
CA ASN A 187 -13.12 36.69 -19.41
C ASN A 187 -12.71 36.58 -20.88
N TYR A 188 -11.53 36.05 -21.16
CA TYR A 188 -11.05 35.98 -22.51
C TYR A 188 -10.71 34.55 -23.01
N TYR A 189 -10.91 33.54 -22.17
CA TYR A 189 -10.61 32.14 -22.50
C TYR A 189 -9.16 31.91 -22.90
N LYS A 190 -8.22 32.71 -22.37
CA LYS A 190 -6.79 32.55 -22.70
C LYS A 190 -6.07 31.91 -21.51
N PHE A 191 -5.40 30.79 -21.77
CA PHE A 191 -4.73 30.00 -20.76
C PHE A 191 -3.23 29.95 -21.02
N SER A 192 -2.46 30.49 -20.10
CA SER A 192 -1.00 30.52 -20.21
C SER A 192 -0.37 29.91 -18.96
N SER A 193 0.96 29.81 -18.93
CA SER A 193 1.60 29.37 -17.70
C SER A 193 1.30 30.30 -16.55
N LYS A 194 1.21 31.58 -16.86
CA LYS A 194 0.85 32.55 -15.85
C LYS A 194 -0.57 32.25 -15.28
N SER A 195 -1.48 31.78 -16.14
CA SER A 195 -2.82 31.35 -15.68
C SER A 195 -2.68 30.19 -14.66
N ASP A 196 -1.76 29.25 -14.93
CA ASP A 196 -1.48 28.17 -13.99
C ASP A 196 -0.89 28.70 -12.65
N VAL A 197 -0.10 29.77 -12.69
CA VAL A 197 0.42 30.40 -11.47
C VAL A 197 -0.74 30.87 -10.57
N TRP A 198 -1.76 31.47 -11.17
CA TRP A 198 -2.98 31.83 -10.39
C TRP A 198 -3.53 30.58 -9.71
N SER A 199 -3.72 29.48 -10.45
CA SER A 199 -4.23 28.23 -9.90
C SER A 199 -3.38 27.73 -8.77
N PHE A 200 -2.06 27.79 -8.98
CA PHE A 200 -1.12 27.42 -7.97
C PHE A 200 -1.34 28.20 -6.63
N GLY A 201 -1.67 29.49 -6.74
CA GLY A 201 -1.99 30.26 -5.58
C GLY A 201 -3.16 29.68 -4.85
N VAL A 202 -4.20 29.28 -5.59
CA VAL A 202 -5.37 28.66 -4.96
C VAL A 202 -5.00 27.32 -4.35
N LEU A 203 -4.17 26.55 -5.05
CA LEU A 203 -3.70 25.27 -4.51
C LEU A 203 -2.94 25.47 -3.18
N MET A 204 -2.13 26.52 -3.11
CA MET A 204 -1.40 26.82 -1.89
C MET A 204 -2.39 27.13 -0.75
N TRP A 205 -3.35 28.01 -1.02
CA TRP A 205 -4.41 28.31 -0.05
C TRP A 205 -5.05 27.02 0.45
N GLU A 206 -5.38 26.11 -0.46
CA GLU A 206 -5.93 24.80 -0.15
C GLU A 206 -5.02 24.00 0.77
N ALA A 207 -3.72 23.96 0.43
CA ALA A 207 -2.80 23.18 1.20
C ALA A 207 -2.66 23.65 2.64
N PHE A 208 -2.57 24.97 2.84
CA PHE A 208 -2.38 25.49 4.19
C PHE A 208 -3.70 25.55 4.95
N SER A 209 -4.81 25.31 4.26
CA SER A 209 -6.14 25.25 4.87
C SER A 209 -6.52 23.79 5.12
N TYR A 210 -5.54 22.89 5.00
CA TYR A 210 -5.74 21.46 5.17
C TYR A 210 -6.86 20.89 4.33
N GLY A 211 -6.86 21.25 3.04
CA GLY A 211 -7.80 20.65 2.10
C GLY A 211 -9.22 21.18 2.16
N GLN A 212 -9.43 22.33 2.78
CA GLN A 212 -10.74 23.02 2.71
C GLN A 212 -11.00 23.51 1.27
N LYS A 213 -12.26 23.63 0.88
CA LYS A 213 -12.59 24.11 -0.46
C LYS A 213 -12.40 25.60 -0.47
N PRO A 214 -11.85 26.14 -1.57
CA PRO A 214 -11.69 27.57 -1.70
C PRO A 214 -13.06 28.24 -1.97
N TYR A 215 -13.22 29.49 -1.55
CA TYR A 215 -14.42 30.28 -1.83
C TYR A 215 -15.68 29.52 -1.39
N ARG A 216 -15.66 29.02 -0.16
CA ARG A 216 -16.71 28.10 0.33
C ARG A 216 -18.10 28.63 0.11
N GLY A 217 -18.98 27.77 -0.42
CA GLY A 217 -20.35 28.16 -0.65
C GLY A 217 -20.64 29.18 -1.73
N MET A 218 -19.62 29.63 -2.45
CA MET A 218 -19.82 30.66 -3.47
C MET A 218 -19.98 30.06 -4.85
N LYS A 219 -20.84 30.69 -5.65
CA LYS A 219 -20.95 30.34 -7.06
C LYS A 219 -19.75 30.90 -7.82
N GLY A 220 -19.39 30.25 -8.92
CA GLY A 220 -18.29 30.77 -9.74
C GLY A 220 -18.50 32.22 -10.10
N SER A 221 -19.74 32.61 -10.43
CA SER A 221 -20.02 33.97 -10.80
C SER A 221 -19.79 34.93 -9.64
N GLU A 222 -20.02 34.48 -8.41
CA GLU A 222 -19.78 35.33 -7.22
C GLU A 222 -18.27 35.43 -6.95
N VAL A 223 -17.56 34.36 -7.27
CA VAL A 223 -16.10 34.41 -7.11
C VAL A 223 -15.53 35.44 -8.07
N THR A 224 -15.96 35.40 -9.33
CA THR A 224 -15.53 36.38 -10.34
C THR A 224 -15.79 37.85 -9.91
N ALA A 225 -16.96 38.12 -9.32
CA ALA A 225 -17.32 39.45 -8.84
C ALA A 225 -16.41 39.91 -7.72
N MET A 226 -16.18 39.03 -6.76
CA MET A 226 -15.32 39.31 -5.62
C MET A 226 -13.91 39.73 -6.08
N LEU A 227 -13.37 38.99 -7.05
CA LEU A 227 -12.01 39.21 -7.58
C LEU A 227 -11.93 40.53 -8.36
N GLU A 228 -12.97 40.87 -9.10
CA GLU A 228 -13.00 42.16 -9.82
C GLU A 228 -13.01 43.34 -8.88
N LYS A 229 -13.48 43.16 -7.66
CA LYS A 229 -13.45 44.21 -6.64
C LYS A 229 -12.08 44.35 -5.98
N GLY A 230 -11.12 43.49 -6.33
CA GLY A 230 -9.83 43.47 -5.70
C GLY A 230 -9.76 42.67 -4.42
N GLU A 231 -10.80 41.89 -4.13
CA GLU A 231 -10.84 41.08 -2.95
C GLU A 231 -10.24 39.69 -3.22
N ARG A 232 -9.67 39.11 -2.17
CA ARG A 232 -9.00 37.81 -2.23
C ARG A 232 -9.26 37.04 -0.97
N MET A 233 -9.07 35.73 -1.05
CA MET A 233 -9.22 34.88 0.11
C MET A 233 -8.24 35.30 1.20
N GLY A 234 -8.68 35.08 2.43
CA GLY A 234 -7.97 35.43 3.62
C GLY A 234 -6.86 34.46 3.92
N CYS A 235 -6.01 34.83 4.88
CA CYS A 235 -4.88 33.99 5.30
C CYS A 235 -5.39 32.79 6.10
N PRO A 236 -5.04 31.55 5.69
CA PRO A 236 -5.51 30.40 6.49
C PRO A 236 -4.89 30.33 7.89
N ALA A 237 -5.62 29.81 8.86
CA ALA A 237 -5.09 29.72 10.23
C ALA A 237 -3.80 28.95 10.24
N GLY A 238 -2.77 29.57 10.83
CA GLY A 238 -1.48 28.93 10.99
C GLY A 238 -0.50 29.05 9.81
N CYS A 239 -0.97 29.63 8.71
CA CYS A 239 -0.12 29.79 7.51
C CYS A 239 1.03 30.78 7.71
N PRO A 240 2.29 30.40 7.34
CA PRO A 240 3.35 31.38 7.48
C PRO A 240 3.04 32.61 6.65
N ARG A 241 3.47 33.77 7.13
CA ARG A 241 3.18 35.04 6.46
C ARG A 241 3.74 35.09 5.06
N GLU A 242 4.99 34.65 4.90
CA GLU A 242 5.63 34.66 3.61
C GLU A 242 4.89 33.85 2.56
N MET A 243 4.25 32.74 2.95
CA MET A 243 3.51 31.90 2.03
C MET A 243 2.17 32.57 1.66
N TYR A 244 1.52 33.23 2.61
CA TYR A 244 0.32 34.02 2.27
C TYR A 244 0.68 35.13 1.30
N ASP A 245 1.82 35.78 1.51
CA ASP A 245 2.27 36.81 0.62
C ASP A 245 2.47 36.26 -0.81
N LEU A 246 3.07 35.07 -0.92
CA LEU A 246 3.32 34.49 -2.24
C LEU A 246 1.99 34.19 -2.90
N MET A 247 1.01 33.71 -2.12
CA MET A 247 -0.35 33.46 -2.67
C MET A 247 -0.89 34.73 -3.31
N ASN A 248 -0.72 35.86 -2.63
CA ASN A 248 -1.22 37.16 -3.15
C ASN A 248 -0.51 37.62 -4.42
N LEU A 249 0.77 37.31 -4.54
CA LEU A 249 1.49 37.57 -5.76
C LEU A 249 0.94 36.69 -6.89
N CYS A 250 0.71 35.42 -6.62
CA CYS A 250 0.15 34.52 -7.63
C CYS A 250 -1.21 35.03 -8.10
N TRP A 251 -1.93 35.71 -7.21
CA TRP A 251 -3.27 36.27 -7.54
C TRP A 251 -3.18 37.75 -8.02
N THR A 252 -2.10 38.07 -8.73
CA THR A 252 -1.98 39.39 -9.36
C THR A 252 -2.97 39.42 -10.52
N TYR A 253 -3.83 40.42 -10.53
CA TYR A 253 -4.87 40.51 -11.56
C TYR A 253 -4.30 40.56 -12.99
N ASP A 254 -3.32 41.42 -13.20
CA ASP A 254 -2.74 41.61 -14.53
C ASP A 254 -1.67 40.56 -14.86
N VAL A 255 -1.88 39.85 -15.96
CA VAL A 255 -1.00 38.74 -16.35
C VAL A 255 0.46 39.11 -16.48
N GLU A 256 0.74 40.26 -17.09
CA GLU A 256 2.12 40.74 -17.30
C GLU A 256 2.83 41.01 -15.98
N ASN A 257 2.07 41.39 -14.95
CA ASN A 257 2.66 41.66 -13.63
C ASN A 257 2.78 40.43 -12.73
N ARG A 258 2.06 39.36 -13.07
CA ARG A 258 2.06 38.16 -12.23
C ARG A 258 3.34 37.39 -12.56
N PRO A 259 3.98 36.82 -11.55
CA PRO A 259 5.21 36.07 -11.81
C PRO A 259 5.00 34.75 -12.54
N GLY A 260 6.01 34.28 -13.28
CA GLY A 260 6.02 32.93 -13.85
C GLY A 260 6.47 31.91 -12.81
N PHE A 261 6.50 30.63 -13.17
CA PHE A 261 6.86 29.56 -12.23
C PHE A 261 8.35 29.58 -11.87
N ALA A 262 9.20 30.11 -12.73
CA ALA A 262 10.64 30.22 -12.36
C ALA A 262 10.78 31.09 -11.12
N ALA A 263 10.15 32.25 -11.16
CA ALA A 263 10.13 33.16 -10.05
C ALA A 263 9.43 32.56 -8.85
N VAL A 264 8.32 31.87 -9.06
CA VAL A 264 7.57 31.27 -7.95
C VAL A 264 8.37 30.15 -7.28
N GLU A 265 8.91 29.22 -8.07
CA GLU A 265 9.75 28.14 -7.53
C GLU A 265 10.97 28.66 -6.75
N LEU A 266 11.61 29.74 -7.23
CA LEU A 266 12.81 30.28 -6.56
C LEU A 266 12.44 30.85 -5.19
N ARG A 267 11.37 31.60 -5.15
CA ARG A 267 10.87 32.15 -3.89
C ARG A 267 10.60 31.04 -2.90
N LEU A 268 9.87 30.00 -3.31
CA LEU A 268 9.59 28.85 -2.42
C LEU A 268 10.84 28.10 -2.01
N ARG A 269 11.76 27.92 -2.94
CA ARG A 269 13.03 27.23 -2.69
C ARG A 269 13.87 27.97 -1.61
N ASN A 270 14.04 29.27 -1.78
CA ASN A 270 14.79 30.07 -0.80
C ASN A 270 14.10 30.05 0.55
N TYR A 271 12.78 30.21 0.58
CA TYR A 271 12.04 30.18 1.84
C TYR A 271 12.12 28.82 2.52
N TYR A 272 11.94 27.74 1.76
CA TYR A 272 12.05 26.38 2.30
C TYR A 272 13.46 26.11 2.88
N TYR A 273 14.51 26.46 2.12
CA TYR A 273 15.89 26.25 2.57
C TYR A 273 16.25 27.12 3.79
N ASP A 274 15.54 28.24 4.00
CA ASP A 274 15.81 29.15 5.10
C ASP A 274 15.16 28.67 6.41
N VAL A 275 14.21 27.74 6.34
CA VAL A 275 13.56 27.23 7.56
C VAL A 275 14.54 26.53 8.51
N VAL A 276 14.49 26.88 9.81
CA VAL A 276 15.36 26.23 10.83
C VAL A 276 14.56 25.53 11.91
N TYR B 6 0.89 -29.43 34.02
CA TYR B 6 2.24 -29.98 33.78
C TYR B 6 2.22 -31.50 33.59
N LEU B 7 3.10 -31.97 32.71
CA LEU B 7 3.22 -33.39 32.38
C LEU B 7 4.29 -34.05 33.25
N ASP B 8 4.43 -35.37 33.09
CA ASP B 8 5.37 -36.20 33.83
C ASP B 8 6.45 -36.71 32.89
N ARG B 9 7.70 -36.37 33.16
CA ARG B 9 8.83 -36.77 32.32
C ARG B 9 9.02 -38.29 32.12
N LYS B 10 8.60 -39.08 33.10
CA LYS B 10 8.74 -40.54 33.01
C LYS B 10 7.84 -41.11 31.89
N LEU B 11 6.68 -40.48 31.69
CA LEU B 11 5.71 -40.90 30.68
C LEU B 11 5.96 -40.34 29.26
N LEU B 12 7.16 -39.80 29.03
CA LEU B 12 7.55 -39.24 27.74
C LEU B 12 8.88 -39.84 27.35
N THR B 13 9.00 -40.25 26.10
CA THR B 13 10.23 -40.77 25.54
C THR B 13 10.52 -39.97 24.28
N LEU B 14 11.79 -39.73 23.98
CA LEU B 14 12.18 -38.93 22.82
C LEU B 14 13.14 -39.68 21.89
N GLU B 15 12.95 -39.54 20.58
CA GLU B 15 13.91 -40.06 19.61
C GLU B 15 15.15 -39.18 19.71
N ASP B 16 16.21 -39.53 18.97
CA ASP B 16 17.43 -38.71 18.94
C ASP B 16 17.55 -37.86 17.69
N LYS B 17 16.95 -38.30 16.58
CA LYS B 17 16.98 -37.53 15.35
C LYS B 17 16.04 -36.34 15.54
N GLU B 18 16.63 -35.17 15.75
CA GLU B 18 15.86 -33.93 15.94
C GLU B 18 15.36 -33.41 14.60
N LEU B 19 14.04 -33.27 14.50
CA LEU B 19 13.36 -32.93 13.26
C LEU B 19 13.69 -31.52 12.74
N GLY B 20 13.81 -30.55 13.64
CA GLY B 20 14.08 -29.16 13.26
C GLY B 20 14.94 -28.40 14.26
N SER B 21 14.95 -27.07 14.15
CA SER B 21 15.77 -26.22 15.01
C SER B 21 15.44 -24.72 14.91
N GLY B 22 16.19 -23.92 15.67
CA GLY B 22 16.04 -22.46 15.71
C GLY B 22 16.62 -21.91 17.01
N ASN B 23 16.45 -20.60 17.21
CA ASN B 23 16.98 -19.93 18.43
C ASN B 23 16.56 -20.59 19.75
N PHE B 24 15.33 -21.10 19.80
CA PHE B 24 14.82 -21.85 20.96
C PHE B 24 15.62 -23.15 21.20
N GLY B 25 16.06 -23.78 20.13
CA GLY B 25 16.83 -25.02 20.21
C GLY B 25 16.42 -26.07 19.20
N THR B 26 15.80 -27.15 19.69
CA THR B 26 15.46 -28.30 18.85
C THR B 26 14.00 -28.79 18.98
N VAL B 27 13.49 -29.38 17.89
CA VAL B 27 12.18 -30.03 17.88
C VAL B 27 12.46 -31.54 17.70
N LYS B 28 11.95 -32.35 18.61
CA LYS B 28 12.15 -33.81 18.56
C LYS B 28 10.85 -34.62 18.51
N LYS B 29 10.91 -35.78 17.84
CA LYS B 29 9.80 -36.69 17.85
C LYS B 29 9.82 -37.44 19.15
N GLY B 30 8.64 -37.65 19.73
CA GLY B 30 8.50 -38.36 20.98
C GLY B 30 7.17 -39.12 21.08
N TYR B 31 7.00 -39.81 22.21
CA TYR B 31 5.81 -40.59 22.48
C TYR B 31 5.39 -40.30 23.91
N TYR B 32 4.14 -39.92 24.13
CA TYR B 32 3.64 -39.65 25.47
C TYR B 32 2.56 -40.67 25.87
N GLN B 33 2.89 -41.49 26.86
CA GLN B 33 1.99 -42.54 27.35
C GLN B 33 0.82 -41.94 28.13
N MET B 34 -0.36 -41.88 27.49
CA MET B 34 -1.58 -41.33 28.06
C MET B 34 -2.59 -42.42 28.44
N LYS B 35 -2.61 -42.80 29.72
CA LYS B 35 -3.46 -43.90 30.18
C LYS B 35 -3.03 -45.21 29.49
N LYS B 36 -3.87 -45.79 28.64
CA LYS B 36 -3.57 -47.09 28.06
C LYS B 36 -2.86 -47.10 26.68
N VAL B 37 -2.89 -45.97 25.97
CA VAL B 37 -2.22 -45.84 24.65
C VAL B 37 -1.03 -44.86 24.70
N VAL B 38 -0.25 -44.78 23.61
CA VAL B 38 0.81 -43.80 23.47
C VAL B 38 0.32 -42.81 22.40
N LYS B 39 0.56 -41.51 22.64
CA LYS B 39 0.31 -40.48 21.64
C LYS B 39 1.65 -40.09 21.04
N THR B 40 1.74 -40.06 19.72
CA THR B 40 2.92 -39.54 19.05
C THR B 40 2.96 -38.01 19.18
N VAL B 41 4.08 -37.46 19.70
CA VAL B 41 4.22 -36.02 19.96
C VAL B 41 5.48 -35.43 19.31
N ALA B 42 5.43 -34.12 19.05
CA ALA B 42 6.57 -33.31 18.62
C ALA B 42 6.85 -32.42 19.83
N VAL B 43 8.12 -32.28 20.18
CA VAL B 43 8.47 -31.62 21.43
C VAL B 43 9.52 -30.54 21.19
N LYS B 44 9.20 -29.31 21.58
CA LYS B 44 10.15 -28.21 21.55
C LYS B 44 11.01 -28.26 22.81
N ILE B 45 12.32 -28.45 22.63
CA ILE B 45 13.29 -28.59 23.71
C ILE B 45 14.25 -27.40 23.70
N LEU B 46 14.61 -26.89 24.87
CA LEU B 46 15.50 -25.71 24.97
C LEU B 46 16.98 -26.11 24.94
N PRO B 53 16.17 -17.27 32.45
CA PRO B 53 16.74 -16.26 31.58
C PRO B 53 15.79 -15.89 30.42
N ALA B 54 16.35 -15.42 29.30
CA ALA B 54 15.56 -15.04 28.13
C ALA B 54 14.71 -16.17 27.56
N LEU B 55 15.34 -17.07 26.79
CA LEU B 55 14.65 -18.13 26.04
C LEU B 55 13.62 -18.92 26.84
N LYS B 56 13.91 -19.23 28.10
CA LYS B 56 12.99 -19.97 28.96
C LYS B 56 11.61 -19.30 29.12
N ASP B 57 11.58 -18.00 29.43
CA ASP B 57 10.31 -17.29 29.59
C ASP B 57 9.56 -17.11 28.25
N GLU B 58 10.31 -17.11 27.16
CA GLU B 58 9.70 -17.06 25.81
C GLU B 58 8.95 -18.36 25.49
N LEU B 59 9.52 -19.49 25.92
CA LEU B 59 8.94 -20.81 25.69
C LEU B 59 7.64 -20.93 26.47
N LEU B 60 7.66 -20.53 27.75
CA LEU B 60 6.46 -20.50 28.58
C LEU B 60 5.38 -19.57 28.01
N ALA B 61 5.81 -18.45 27.41
CA ALA B 61 4.89 -17.52 26.74
C ALA B 61 4.20 -18.20 25.53
N GLU B 62 4.99 -18.91 24.74
CA GLU B 62 4.50 -19.70 23.60
C GLU B 62 3.48 -20.77 24.08
N ALA B 63 3.79 -21.46 25.18
CA ALA B 63 2.85 -22.41 25.79
C ALA B 63 1.57 -21.72 26.24
N ASN B 64 1.73 -20.56 26.87
CA ASN B 64 0.60 -19.75 27.37
C ASN B 64 -0.35 -19.34 26.22
N VAL B 65 0.22 -18.90 25.11
CA VAL B 65 -0.59 -18.63 23.93
C VAL B 65 -1.30 -19.89 23.42
N MET B 66 -0.56 -20.97 23.19
CA MET B 66 -1.15 -22.19 22.63
C MET B 66 -2.25 -22.74 23.50
N GLN B 67 -2.06 -22.68 24.82
CA GLN B 67 -3.05 -23.16 25.81
C GLN B 67 -4.44 -22.54 25.58
N GLN B 68 -4.46 -21.28 25.16
CA GLN B 68 -5.71 -20.53 25.00
C GLN B 68 -6.40 -20.77 23.68
N LEU B 69 -5.71 -21.43 22.76
CA LEU B 69 -6.26 -21.64 21.43
C LEU B 69 -6.87 -23.01 21.31
N ASP B 70 -8.00 -23.05 20.63
CA ASP B 70 -8.65 -24.30 20.35
C ASP B 70 -9.38 -24.18 19.05
N ASN B 71 -8.80 -24.79 18.02
CA ASN B 71 -9.35 -24.71 16.68
C ASN B 71 -8.74 -25.85 15.87
N PRO B 72 -9.51 -26.40 14.93
CA PRO B 72 -8.98 -27.53 14.16
C PRO B 72 -7.77 -27.22 13.28
N TYR B 73 -7.51 -25.95 12.98
CA TYR B 73 -6.42 -25.57 12.06
C TYR B 73 -5.23 -24.94 12.78
N ILE B 74 -5.16 -25.14 14.11
CA ILE B 74 -4.06 -24.72 14.95
C ILE B 74 -3.55 -25.94 15.71
N VAL B 75 -2.22 -26.12 15.74
CA VAL B 75 -1.58 -27.24 16.44
C VAL B 75 -1.96 -27.27 17.93
N ARG B 76 -2.35 -28.45 18.41
CA ARG B 76 -2.74 -28.61 19.81
C ARG B 76 -1.55 -28.90 20.70
N MET B 77 -1.43 -28.13 21.78
CA MET B 77 -0.42 -28.38 22.79
C MET B 77 -0.95 -29.41 23.78
N ILE B 78 -0.12 -30.40 24.10
CA ILE B 78 -0.45 -31.39 25.11
C ILE B 78 -0.10 -30.78 26.48
N GLY B 79 1.07 -30.16 26.58
CA GLY B 79 1.45 -29.48 27.80
C GLY B 79 2.94 -29.19 27.88
N ILE B 80 3.33 -28.74 29.06
CA ILE B 80 4.71 -28.39 29.36
C ILE B 80 5.27 -29.43 30.31
N CYS B 81 6.58 -29.68 30.19
CA CYS B 81 7.25 -30.65 31.00
C CYS B 81 8.60 -30.10 31.47
N GLU B 82 8.73 -29.88 32.78
CA GLU B 82 9.97 -29.41 33.38
C GLU B 82 10.85 -30.60 33.77
N ALA B 83 11.76 -30.99 32.88
CA ALA B 83 12.65 -32.11 33.13
C ALA B 83 14.10 -31.64 33.06
N GLU B 84 14.96 -32.37 32.35
CA GLU B 84 16.36 -31.99 32.21
C GLU B 84 16.51 -30.66 31.44
N SER B 85 15.44 -30.28 30.76
CA SER B 85 15.30 -28.98 30.12
C SER B 85 13.81 -28.66 30.07
N TRP B 86 13.45 -27.43 29.77
CA TRP B 86 12.03 -27.09 29.62
C TRP B 86 11.59 -27.66 28.29
N MET B 87 10.37 -28.22 28.25
CA MET B 87 9.85 -28.85 27.04
C MET B 87 8.39 -28.51 26.80
N LEU B 88 8.09 -28.14 25.56
CA LEU B 88 6.73 -27.86 25.16
C LEU B 88 6.29 -29.03 24.26
N VAL B 89 5.31 -29.79 24.71
CA VAL B 89 4.86 -31.02 24.04
C VAL B 89 3.58 -30.78 23.23
N MET B 90 3.62 -31.12 21.96
CA MET B 90 2.51 -30.90 21.02
C MET B 90 2.14 -32.21 20.33
N GLU B 91 0.94 -32.28 19.78
CA GLU B 91 0.55 -33.38 18.89
C GLU B 91 1.40 -33.26 17.64
N MET B 92 1.96 -34.36 17.19
CA MET B 92 2.81 -34.42 16.01
C MET B 92 2.04 -34.28 14.70
N ALA B 93 2.42 -33.31 13.87
CA ALA B 93 1.92 -33.23 12.49
C ALA B 93 2.90 -34.02 11.61
N GLU B 94 2.61 -35.29 11.33
CA GLU B 94 3.58 -36.23 10.73
C GLU B 94 4.24 -35.80 9.40
N LEU B 95 3.48 -35.17 8.51
CA LEU B 95 4.06 -34.76 7.19
C LEU B 95 5.04 -33.56 7.25
N GLY B 96 5.07 -32.85 8.38
CA GLY B 96 6.03 -31.78 8.61
C GLY B 96 5.69 -30.45 7.95
N PRO B 97 6.67 -29.53 7.93
CA PRO B 97 6.50 -28.17 7.39
C PRO B 97 6.10 -28.12 5.90
N LEU B 98 5.13 -27.26 5.59
CA LEU B 98 4.59 -27.11 4.24
C LEU B 98 5.63 -26.73 3.19
N ASN B 99 6.60 -25.89 3.53
CA ASN B 99 7.63 -25.51 2.55
C ASN B 99 8.49 -26.72 2.12
N LYS B 100 9.08 -27.40 3.10
CA LYS B 100 9.91 -28.60 2.86
C LYS B 100 9.13 -29.70 2.17
N TYR B 101 7.82 -29.78 2.42
CA TYR B 101 6.98 -30.80 1.81
C TYR B 101 6.79 -30.54 0.32
N LEU B 102 6.41 -29.32 -0.02
CA LEU B 102 6.23 -28.96 -1.43
C LEU B 102 7.57 -28.99 -2.19
N GLN B 103 8.67 -28.71 -1.49
CA GLN B 103 10.03 -28.85 -2.05
C GLN B 103 10.39 -30.30 -2.41
N GLN B 104 9.72 -31.26 -1.76
CA GLN B 104 9.95 -32.68 -2.02
C GLN B 104 8.86 -33.31 -2.88
N ASN B 105 7.70 -32.67 -2.96
CA ASN B 105 6.56 -33.19 -3.69
C ASN B 105 6.02 -32.17 -4.69
N ARG B 106 6.76 -31.94 -5.78
CA ARG B 106 6.38 -30.92 -6.81
C ARG B 106 5.12 -31.30 -7.58
N HIS B 107 4.79 -32.59 -7.54
CA HIS B 107 3.62 -33.16 -8.21
C HIS B 107 2.26 -32.74 -7.67
N VAL B 108 2.20 -32.18 -6.45
CA VAL B 108 0.91 -31.83 -5.82
C VAL B 108 0.07 -30.90 -6.71
N LYS B 109 -1.23 -31.14 -6.74
CA LYS B 109 -2.13 -30.38 -7.62
C LYS B 109 -2.55 -29.02 -7.02
N ASP B 110 -2.96 -28.11 -7.89
CA ASP B 110 -3.32 -26.76 -7.48
C ASP B 110 -4.53 -26.72 -6.55
N LYS B 111 -5.54 -27.55 -6.79
CA LYS B 111 -6.71 -27.58 -5.90
C LYS B 111 -6.32 -28.07 -4.49
N ASN B 112 -5.30 -28.92 -4.41
CA ASN B 112 -4.80 -29.39 -3.12
C ASN B 112 -4.17 -28.21 -2.37
N ILE B 113 -3.31 -27.48 -3.08
CA ILE B 113 -2.65 -26.32 -2.51
C ILE B 113 -3.66 -25.29 -2.06
N ILE B 114 -4.71 -25.07 -2.84
CA ILE B 114 -5.75 -24.11 -2.46
C ILE B 114 -6.47 -24.56 -1.19
N GLU B 115 -6.75 -25.85 -1.12
CA GLU B 115 -7.34 -26.49 0.08
C GLU B 115 -6.52 -26.17 1.33
N LEU B 116 -5.21 -26.36 1.22
CA LEU B 116 -4.27 -26.18 2.32
C LEU B 116 -4.17 -24.70 2.77
N VAL B 117 -4.04 -23.77 1.82
CA VAL B 117 -3.99 -22.34 2.20
C VAL B 117 -5.32 -21.84 2.70
N HIS B 118 -6.43 -22.41 2.23
CA HIS B 118 -7.76 -22.01 2.77
C HIS B 118 -7.88 -22.40 4.24
N GLN B 119 -7.42 -23.60 4.56
CA GLN B 119 -7.39 -24.06 5.93
C GLN B 119 -6.54 -23.14 6.79
N VAL B 120 -5.40 -22.71 6.28
CA VAL B 120 -4.61 -21.73 7.01
C VAL B 120 -5.41 -20.44 7.26
N SER B 121 -6.23 -19.99 6.29
CA SER B 121 -6.99 -18.74 6.49
C SER B 121 -8.08 -18.85 7.56
N MET B 122 -8.60 -20.07 7.76
CA MET B 122 -9.58 -20.31 8.82
C MET B 122 -8.94 -20.24 10.18
N GLY B 123 -7.77 -20.84 10.34
CA GLY B 123 -7.06 -20.73 11.61
C GLY B 123 -6.73 -19.28 11.92
N MET B 124 -6.35 -18.54 10.88
CA MET B 124 -6.01 -17.13 11.05
C MET B 124 -7.26 -16.28 11.27
N LYS B 125 -8.39 -16.68 10.69
CA LYS B 125 -9.66 -16.00 10.98
C LYS B 125 -9.96 -16.19 12.48
N TYR B 126 -9.74 -17.41 12.98
CA TYR B 126 -9.95 -17.71 14.40
C TYR B 126 -9.02 -16.93 15.27
N LEU B 127 -7.74 -16.87 14.90
CA LEU B 127 -6.75 -16.12 15.66
C LEU B 127 -7.12 -14.63 15.74
N GLU B 128 -7.46 -14.07 14.61
CA GLU B 128 -7.88 -12.66 14.52
C GLU B 128 -9.06 -12.34 15.45
N GLU B 129 -10.07 -13.21 15.43
CA GLU B 129 -11.27 -13.09 16.30
C GLU B 129 -10.92 -13.20 17.80
N SER B 130 -10.01 -14.13 18.10
CA SER B 130 -9.52 -14.29 19.46
C SER B 130 -8.54 -13.18 19.84
N ASN B 131 -8.27 -12.27 18.90
CA ASN B 131 -7.34 -11.12 19.08
C ASN B 131 -5.89 -11.44 19.46
N PHE B 132 -5.33 -12.38 18.70
CA PHE B 132 -3.93 -12.76 18.77
C PHE B 132 -3.27 -12.41 17.44
N VAL B 133 -2.04 -11.92 17.49
CA VAL B 133 -1.24 -11.69 16.29
C VAL B 133 -0.14 -12.78 16.27
N HIS B 134 0.00 -13.44 15.13
CA HIS B 134 0.93 -14.56 15.00
C HIS B 134 2.36 -14.06 14.99
N ARG B 135 2.67 -13.18 14.04
CA ARG B 135 3.96 -12.53 13.85
C ARG B 135 5.09 -13.40 13.27
N ASP B 136 4.76 -14.60 12.82
CA ASP B 136 5.74 -15.47 12.13
C ASP B 136 5.01 -16.36 11.19
N LEU B 137 4.06 -15.80 10.44
CA LEU B 137 3.25 -16.61 9.57
C LEU B 137 3.97 -16.81 8.22
N ALA B 138 4.45 -18.03 8.05
CA ALA B 138 5.22 -18.40 6.89
C ALA B 138 4.95 -19.87 6.61
N ALA B 139 5.25 -20.31 5.39
CA ALA B 139 5.04 -21.71 5.00
C ALA B 139 5.81 -22.70 5.89
N ARG B 140 6.97 -22.32 6.43
CA ARG B 140 7.73 -23.16 7.37
C ARG B 140 7.00 -23.43 8.71
N ASN B 141 5.96 -22.63 9.01
CA ASN B 141 5.19 -22.72 10.28
C ASN B 141 3.75 -23.21 10.04
N VAL B 142 3.54 -23.77 8.86
CA VAL B 142 2.30 -24.47 8.59
C VAL B 142 2.69 -25.94 8.57
N LEU B 143 2.02 -26.74 9.40
CA LEU B 143 2.38 -28.15 9.54
C LEU B 143 1.32 -29.05 8.96
N LEU B 144 1.74 -30.09 8.25
CA LEU B 144 0.79 -30.98 7.60
C LEU B 144 0.54 -32.22 8.44
N VAL B 145 -0.71 -32.41 8.82
CA VAL B 145 -1.16 -33.61 9.51
C VAL B 145 -1.35 -34.71 8.44
N THR B 146 -2.02 -34.35 7.33
CA THR B 146 -2.10 -35.18 6.12
C THR B 146 -1.86 -34.27 4.92
N GLN B 147 -1.82 -34.86 3.72
CA GLN B 147 -1.67 -34.07 2.51
C GLN B 147 -2.89 -33.18 2.27
N HIS B 148 -3.96 -33.37 3.05
CA HIS B 148 -5.17 -32.57 2.93
C HIS B 148 -5.60 -31.89 4.25
N TYR B 149 -4.67 -31.71 5.18
CA TYR B 149 -4.95 -31.14 6.50
C TYR B 149 -3.71 -30.41 7.04
N ALA B 150 -3.76 -29.08 7.02
CA ALA B 150 -2.67 -28.23 7.51
C ALA B 150 -3.10 -27.56 8.80
N LYS B 151 -2.09 -27.26 9.61
CA LYS B 151 -2.28 -26.59 10.88
C LYS B 151 -1.21 -25.55 11.08
N ILE B 152 -1.60 -24.45 11.72
CA ILE B 152 -0.67 -23.38 12.05
C ILE B 152 0.10 -23.69 13.31
N SER B 153 1.40 -23.47 13.28
CA SER B 153 2.21 -23.71 14.45
C SER B 153 3.10 -22.51 14.71
N ASP B 154 4.01 -22.70 15.68
CA ASP B 154 5.09 -21.78 15.98
C ASP B 154 4.64 -20.39 16.44
N PHE B 155 4.14 -20.35 17.68
CA PHE B 155 3.62 -19.15 18.28
C PHE B 155 4.62 -18.42 19.16
N GLY B 156 5.91 -18.60 18.91
CA GLY B 156 6.96 -17.97 19.74
C GLY B 156 7.09 -16.45 19.74
N LEU B 157 6.66 -15.83 18.65
CA LEU B 157 6.62 -14.37 18.52
C LEU B 157 5.19 -13.80 18.71
N SER B 158 4.21 -14.67 18.97
CA SER B 158 2.81 -14.24 19.04
C SER B 158 2.48 -13.40 20.28
N LYS B 159 1.47 -12.54 20.13
CA LYS B 159 1.03 -11.69 21.24
C LYS B 159 -0.47 -11.68 21.34
N ALA B 160 -0.97 -11.74 22.57
CA ALA B 160 -2.38 -11.57 22.86
C ALA B 160 -2.55 -10.07 22.99
N LEU B 161 -3.35 -9.49 22.11
CA LEU B 161 -3.56 -8.06 22.12
C LEU B 161 -4.48 -7.66 23.29
N ARG B 162 -4.24 -6.45 23.81
CA ARG B 162 -5.07 -5.89 24.87
C ARG B 162 -6.47 -5.63 24.36
N ALA B 163 -7.41 -5.72 25.30
CA ALA B 163 -8.83 -5.56 25.03
C ALA B 163 -9.14 -4.26 24.30
N ASP B 164 -8.32 -3.23 24.54
CA ASP B 164 -8.58 -1.89 23.98
C ASP B 164 -7.61 -1.44 22.88
N GLU B 165 -6.81 -2.35 22.31
CA GLU B 165 -5.85 -1.98 21.26
C GLU B 165 -5.98 -2.97 20.12
N ASN B 166 -5.77 -2.53 18.89
CA ASN B 166 -5.75 -3.50 17.79
C ASN B 166 -4.36 -3.81 17.22
N TYR B 167 -3.29 -3.37 17.89
CA TYR B 167 -1.93 -3.71 17.49
C TYR B 167 -0.97 -3.88 18.68
N TYR B 168 0.14 -4.56 18.42
CA TYR B 168 1.25 -4.70 19.35
C TYR B 168 2.35 -3.83 18.81
N LYS B 169 2.95 -3.04 19.70
CA LYS B 169 3.99 -2.11 19.37
C LYS B 169 5.30 -2.64 19.94
N ALA B 170 6.17 -3.13 19.06
CA ALA B 170 7.44 -3.69 19.50
C ALA B 170 8.44 -2.58 19.79
N GLN B 171 9.50 -2.93 20.54
CA GLN B 171 10.63 -2.03 20.78
C GLN B 171 11.89 -2.64 20.18
N THR B 172 12.20 -3.85 20.64
CA THR B 172 13.37 -4.57 20.16
C THR B 172 13.14 -5.21 18.77
N HIS B 173 13.67 -4.55 17.73
CA HIS B 173 13.73 -5.11 16.38
C HIS B 173 14.72 -6.28 16.50
N GLY B 174 14.19 -7.45 16.83
CA GLY B 174 15.00 -8.65 17.05
C GLY B 174 15.52 -9.28 15.78
N LYS B 175 15.59 -10.61 15.74
CA LYS B 175 15.92 -11.32 14.52
C LYS B 175 14.58 -11.62 13.85
N TRP B 176 14.14 -10.68 13.00
CA TRP B 176 12.80 -10.76 12.37
C TRP B 176 12.80 -11.35 10.96
N PRO B 177 11.73 -12.08 10.62
CA PRO B 177 11.52 -12.59 9.27
C PRO B 177 10.98 -11.49 8.35
N VAL B 178 11.86 -10.54 8.09
CA VAL B 178 11.55 -9.31 7.35
C VAL B 178 10.85 -9.50 6.02
N LYS B 179 11.14 -10.59 5.32
CA LYS B 179 10.52 -10.83 4.02
C LYS B 179 9.04 -11.17 4.14
N TRP B 180 8.60 -11.52 5.36
CA TRP B 180 7.20 -11.83 5.63
C TRP B 180 6.42 -10.64 6.25
N TYR B 181 7.12 -9.57 6.59
CA TYR B 181 6.56 -8.46 7.37
C TYR B 181 6.03 -7.30 6.54
N ALA B 182 4.87 -6.78 6.96
CA ALA B 182 4.22 -5.67 6.30
C ALA B 182 5.03 -4.37 6.54
N PRO B 183 4.93 -3.39 5.63
CA PRO B 183 5.64 -2.11 5.77
C PRO B 183 5.50 -1.43 7.11
N GLU B 184 4.28 -1.43 7.66
CA GLU B 184 4.05 -0.83 8.98
C GLU B 184 4.83 -1.54 10.10
N CYS B 185 5.11 -2.84 9.94
CA CYS B 185 5.90 -3.56 10.93
C CYS B 185 7.36 -3.12 10.83
N ILE B 186 7.87 -3.00 9.61
CA ILE B 186 9.26 -2.57 9.44
C ILE B 186 9.47 -1.11 9.83
N ASN B 187 8.58 -0.24 9.40
CA ASN B 187 8.76 1.21 9.63
C ASN B 187 8.38 1.66 11.03
N TYR B 188 7.23 1.22 11.52
CA TYR B 188 6.70 1.73 12.79
C TYR B 188 6.71 0.73 13.94
N TYR B 189 7.08 -0.52 13.67
CA TYR B 189 7.07 -1.60 14.66
C TYR B 189 5.68 -1.97 15.14
N LYS B 190 4.67 -1.78 14.31
CA LYS B 190 3.28 -2.11 14.70
C LYS B 190 2.78 -3.39 14.02
N PHE B 191 2.25 -4.29 14.83
CA PHE B 191 1.85 -5.63 14.41
C PHE B 191 0.40 -5.88 14.75
N SER B 192 -0.41 -6.09 13.73
CA SER B 192 -1.84 -6.34 13.92
C SER B 192 -2.23 -7.54 13.11
N SER B 193 -3.51 -7.91 13.15
CA SER B 193 -4.01 -8.98 12.31
C SER B 193 -3.86 -8.65 10.83
N LYS B 194 -3.97 -7.36 10.48
CA LYS B 194 -3.76 -6.95 9.10
C LYS B 194 -2.33 -7.22 8.67
N SER B 195 -1.37 -7.02 9.56
CA SER B 195 0.01 -7.35 9.22
C SER B 195 0.18 -8.87 9.02
N ASP B 196 -0.54 -9.70 9.78
CA ASP B 196 -0.54 -11.16 9.52
C ASP B 196 -1.17 -11.48 8.14
N VAL B 197 -2.13 -10.66 7.68
CA VAL B 197 -2.68 -10.84 6.34
C VAL B 197 -1.56 -10.64 5.29
N TRP B 198 -0.71 -9.62 5.46
CA TRP B 198 0.43 -9.43 4.55
C TRP B 198 1.31 -10.70 4.52
N SER B 199 1.60 -11.26 5.69
CA SER B 199 2.37 -12.52 5.76
C SER B 199 1.63 -13.66 5.05
N PHE B 200 0.32 -13.75 5.24
CA PHE B 200 -0.49 -14.78 4.54
C PHE B 200 -0.34 -14.71 3.00
N GLY B 201 -0.25 -13.50 2.45
CA GLY B 201 0.00 -13.35 1.01
C GLY B 201 1.35 -13.92 0.61
N VAL B 202 2.39 -13.58 1.38
CA VAL B 202 3.70 -14.16 1.14
C VAL B 202 3.70 -15.68 1.34
N LEU B 203 2.93 -16.15 2.32
CA LEU B 203 2.71 -17.58 2.50
C LEU B 203 2.05 -18.21 1.25
N MET B 204 1.01 -17.59 0.72
CA MET B 204 0.34 -18.15 -0.44
C MET B 204 1.30 -18.27 -1.62
N TRP B 205 2.21 -17.30 -1.73
CA TRP B 205 3.19 -17.26 -2.80
C TRP B 205 4.20 -18.40 -2.68
N GLU B 206 4.73 -18.59 -1.47
CA GLU B 206 5.60 -19.73 -1.19
C GLU B 206 4.95 -21.06 -1.61
N ALA B 207 3.69 -21.22 -1.27
CA ALA B 207 2.97 -22.45 -1.51
C ALA B 207 2.86 -22.76 -2.99
N PHE B 208 2.41 -21.77 -3.78
CA PHE B 208 2.19 -21.97 -5.21
C PHE B 208 3.50 -22.00 -5.98
N SER B 209 4.59 -21.62 -5.32
CA SER B 209 5.92 -21.76 -5.85
C SER B 209 6.59 -23.04 -5.33
N TYR B 210 5.80 -23.91 -4.70
CA TYR B 210 6.29 -25.16 -4.09
C TYR B 210 7.49 -25.01 -3.14
N GLY B 211 7.32 -24.19 -2.11
CA GLY B 211 8.33 -24.06 -1.05
C GLY B 211 9.61 -23.31 -1.35
N GLN B 212 9.66 -22.61 -2.49
CA GLN B 212 10.82 -21.77 -2.82
C GLN B 212 10.82 -20.47 -1.97
N LYS B 213 12.00 -19.97 -1.62
CA LYS B 213 12.10 -18.74 -0.83
C LYS B 213 11.57 -17.48 -1.58
N PRO B 214 10.85 -16.59 -0.87
CA PRO B 214 10.42 -15.32 -1.50
C PRO B 214 11.57 -14.32 -1.61
N TYR B 215 11.41 -13.34 -2.49
CA TYR B 215 12.45 -12.30 -2.73
C TYR B 215 13.87 -12.90 -2.76
N ARG B 216 14.07 -13.98 -3.51
CA ARG B 216 15.35 -14.67 -3.41
C ARG B 216 16.55 -13.80 -3.81
N GLY B 217 17.64 -13.96 -3.09
CA GLY B 217 18.89 -13.24 -3.32
C GLY B 217 18.91 -11.81 -2.82
N MET B 218 17.80 -11.35 -2.24
CA MET B 218 17.65 -9.95 -1.83
C MET B 218 17.82 -9.77 -0.34
N LYS B 219 18.48 -8.68 0.02
CA LYS B 219 18.67 -8.29 1.40
C LYS B 219 17.41 -7.60 1.91
N GLY B 220 17.21 -7.58 3.23
CA GLY B 220 16.00 -6.99 3.83
C GLY B 220 15.73 -5.59 3.32
N SER B 221 16.81 -4.82 3.21
CA SER B 221 16.75 -3.44 2.75
C SER B 221 16.34 -3.29 1.28
N GLU B 222 16.68 -4.30 0.48
CA GLU B 222 16.31 -4.29 -0.95
C GLU B 222 14.87 -4.72 -1.15
N VAL B 223 14.33 -5.53 -0.23
CA VAL B 223 12.91 -5.92 -0.27
C VAL B 223 12.05 -4.69 0.09
N THR B 224 12.39 -4.00 1.18
CA THR B 224 11.69 -2.77 1.60
C THR B 224 11.61 -1.71 0.48
N ALA B 225 12.74 -1.47 -0.19
CA ALA B 225 12.80 -0.49 -1.29
C ALA B 225 11.98 -0.90 -2.49
N MET B 226 11.94 -2.21 -2.79
CA MET B 226 11.09 -2.71 -3.87
C MET B 226 9.62 -2.44 -3.55
N LEU B 227 9.21 -2.76 -2.33
CA LEU B 227 7.85 -2.56 -1.89
C LEU B 227 7.46 -1.06 -1.89
N GLU B 228 8.39 -0.20 -1.47
CA GLU B 228 8.15 1.26 -1.44
C GLU B 228 8.03 1.87 -2.85
N LYS B 229 8.45 1.13 -3.88
CA LYS B 229 8.25 1.53 -5.27
C LYS B 229 6.93 1.01 -5.83
N GLY B 230 6.14 0.32 -5.01
CA GLY B 230 4.86 -0.23 -5.48
C GLY B 230 5.00 -1.55 -6.23
N GLU B 231 6.19 -2.16 -6.19
CA GLU B 231 6.42 -3.42 -6.86
C GLU B 231 6.14 -4.61 -5.93
N ARG B 232 5.76 -5.73 -6.52
CA ARG B 232 5.45 -6.96 -5.80
C ARG B 232 6.07 -8.17 -6.50
N MET B 233 6.10 -9.31 -5.81
CA MET B 233 6.62 -10.55 -6.41
C MET B 233 5.73 -10.97 -7.59
N GLY B 234 6.37 -11.50 -8.63
CA GLY B 234 5.68 -11.95 -9.82
C GLY B 234 5.00 -13.26 -9.54
N CYS B 235 3.91 -13.50 -10.28
CA CYS B 235 3.14 -14.71 -10.18
C CYS B 235 3.98 -15.98 -10.46
N PRO B 236 3.89 -16.99 -9.58
CA PRO B 236 4.65 -18.25 -9.73
C PRO B 236 4.25 -19.14 -10.89
N ALA B 237 5.22 -19.90 -11.42
CA ALA B 237 4.97 -20.86 -12.49
C ALA B 237 3.79 -21.78 -12.14
N GLY B 238 2.73 -21.73 -12.95
CA GLY B 238 1.54 -22.58 -12.74
C GLY B 238 0.45 -22.06 -11.80
N CYS B 239 0.71 -20.94 -11.13
CA CYS B 239 -0.24 -20.41 -10.15
C CYS B 239 -1.56 -19.95 -10.78
N PRO B 240 -2.70 -20.25 -10.13
CA PRO B 240 -3.97 -19.72 -10.64
C PRO B 240 -3.99 -18.21 -10.58
N ARG B 241 -4.82 -17.59 -11.42
CA ARG B 241 -4.89 -16.13 -11.49
C ARG B 241 -5.64 -15.51 -10.32
N GLU B 242 -6.81 -16.05 -9.97
CA GLU B 242 -7.54 -15.54 -8.81
C GLU B 242 -6.74 -15.63 -7.50
N MET B 243 -5.78 -16.55 -7.43
CA MET B 243 -4.95 -16.71 -6.22
C MET B 243 -3.85 -15.65 -6.17
N TYR B 244 -3.21 -15.39 -7.31
CA TYR B 244 -2.26 -14.27 -7.38
C TYR B 244 -2.96 -12.93 -7.13
N ASP B 245 -4.23 -12.82 -7.53
CA ASP B 245 -4.98 -11.60 -7.31
C ASP B 245 -5.19 -11.41 -5.79
N LEU B 246 -5.56 -12.48 -5.09
CA LEU B 246 -5.73 -12.42 -3.63
C LEU B 246 -4.40 -12.07 -2.91
N MET B 247 -3.28 -12.58 -3.42
CA MET B 247 -1.95 -12.30 -2.83
C MET B 247 -1.68 -10.80 -2.91
N ASN B 248 -1.91 -10.25 -4.10
CA ASN B 248 -1.79 -8.79 -4.28
C ASN B 248 -2.69 -7.96 -3.37
N LEU B 249 -3.91 -8.40 -3.13
CA LEU B 249 -4.79 -7.72 -2.19
C LEU B 249 -4.21 -7.76 -0.77
N CYS B 250 -3.70 -8.93 -0.36
CA CYS B 250 -3.00 -9.09 0.93
C CYS B 250 -1.79 -8.14 1.04
N TRP B 251 -1.12 -7.89 -0.09
CA TRP B 251 -0.02 -6.95 -0.10
C TRP B 251 -0.44 -5.48 -0.36
N THR B 252 -1.63 -5.09 0.13
CA THR B 252 -2.08 -3.68 0.08
C THR B 252 -1.19 -2.88 1.07
N TYR B 253 -0.48 -1.88 0.56
CA TYR B 253 0.44 -1.05 1.38
C TYR B 253 -0.27 -0.39 2.55
N ASP B 254 -1.40 0.24 2.27
CA ASP B 254 -2.17 0.92 3.31
C ASP B 254 -2.89 -0.12 4.16
N VAL B 255 -2.57 -0.09 5.45
CA VAL B 255 -3.10 -1.04 6.41
C VAL B 255 -4.63 -1.01 6.47
N GLU B 256 -5.22 0.18 6.44
CA GLU B 256 -6.69 0.34 6.50
C GLU B 256 -7.46 -0.26 5.32
N ASN B 257 -6.92 -0.20 4.11
CA ASN B 257 -7.59 -0.79 2.96
C ASN B 257 -7.27 -2.26 2.77
N ARG B 258 -6.22 -2.73 3.43
CA ARG B 258 -5.85 -4.14 3.35
C ARG B 258 -6.98 -4.93 4.02
N PRO B 259 -7.38 -6.04 3.43
CA PRO B 259 -8.47 -6.76 4.07
C PRO B 259 -8.07 -7.53 5.33
N GLY B 260 -9.06 -7.83 6.16
CA GLY B 260 -8.88 -8.68 7.33
C GLY B 260 -9.04 -10.14 6.95
N PHE B 261 -8.87 -11.04 7.91
CA PHE B 261 -8.97 -12.48 7.60
C PHE B 261 -10.38 -12.96 7.24
N ALA B 262 -11.41 -12.35 7.82
CA ALA B 262 -12.78 -12.70 7.43
C ALA B 262 -12.96 -12.61 5.92
N ALA B 263 -12.48 -11.51 5.32
CA ALA B 263 -12.59 -11.32 3.86
C ALA B 263 -11.71 -12.29 3.07
N VAL B 264 -10.46 -12.46 3.52
CA VAL B 264 -9.54 -13.37 2.84
C VAL B 264 -10.04 -14.82 2.83
N GLU B 265 -10.58 -15.27 3.97
CA GLU B 265 -11.14 -16.61 4.11
C GLU B 265 -12.40 -16.75 3.25
N LEU B 266 -13.28 -15.75 3.30
CA LEU B 266 -14.53 -15.81 2.50
C LEU B 266 -14.18 -15.94 1.03
N ARG B 267 -13.22 -15.14 0.57
CA ARG B 267 -12.74 -15.19 -0.81
C ARG B 267 -12.14 -16.54 -1.20
N LEU B 268 -11.41 -17.19 -0.29
CA LEU B 268 -10.84 -18.52 -0.58
C LEU B 268 -11.92 -19.60 -0.56
N ARG B 269 -12.88 -19.46 0.35
CA ARG B 269 -14.01 -20.39 0.46
C ARG B 269 -14.82 -20.42 -0.84
N ASN B 270 -15.20 -19.25 -1.34
CA ASN B 270 -15.97 -19.15 -2.59
C ASN B 270 -15.22 -19.77 -3.74
N TYR B 271 -13.97 -19.36 -3.92
CA TYR B 271 -13.16 -19.87 -5.03
C TYR B 271 -12.93 -21.38 -4.96
N TYR B 272 -12.67 -21.88 -3.76
CA TYR B 272 -12.42 -23.32 -3.59
C TYR B 272 -13.66 -24.12 -3.96
N TYR B 273 -14.79 -23.79 -3.33
CA TYR B 273 -16.09 -24.44 -3.60
C TYR B 273 -16.57 -24.18 -5.05
N ASP B 274 -15.70 -24.49 -6.02
CA ASP B 274 -15.92 -24.29 -7.47
C ASP B 274 -14.66 -23.73 -8.11
C1 S19 C . -7.75 7.49 -3.14
C2 S19 C . -6.98 7.68 -4.41
C3 S19 C . -5.73 7.10 -4.52
C4 S19 C . -5.01 7.26 -5.68
C5 S19 C . -5.48 7.98 -6.76
N6 S19 C . -4.63 8.06 -7.89
C7 S19 C . -4.76 8.85 -9.03
N8 S19 C . -5.84 9.60 -9.28
C9 S19 C . -5.89 10.34 -10.39
N10 S19 C . -7.02 11.07 -10.56
C11 S19 C . -8.06 11.27 -9.57
C12 S19 C . -9.39 11.56 -10.26
C13 S19 C . -10.41 11.68 -9.16
O14 S19 C . -10.12 12.81 -8.39
C15 S19 C . -8.91 12.64 -7.63
C16 S19 C . -7.73 12.36 -8.55
N17 S19 C . -7.39 13.60 -9.22
N18 S19 C . -4.94 10.36 -11.31
C19 S19 C . -3.86 9.59 -11.08
C20 S19 C . -3.69 8.80 -9.97
C21 S19 C . -2.49 7.97 -9.72
N22 S19 C . -1.63 7.84 -10.77
O23 S19 C . -2.29 7.45 -8.63
C24 S19 C . -6.73 8.56 -6.64
C25 S19 C . -7.47 8.42 -5.46
C1 GOL D . 5.72 9.14 -19.12
O1 GOL D . 4.51 9.30 -18.43
C2 GOL D . 6.90 9.04 -18.15
O2 GOL D . 7.01 10.22 -17.37
C3 GOL D . 8.20 8.81 -18.91
O3 GOL D . 9.08 8.05 -18.09
C1 GOL E . -9.43 15.22 -13.15
O1 GOL E . -9.35 13.90 -13.68
C2 GOL E . -10.26 15.31 -11.86
O2 GOL E . -9.43 15.31 -10.69
C3 GOL E . -11.10 16.59 -11.93
O3 GOL E . -10.35 17.79 -11.92
C1 GOL F . -15.04 16.89 -3.21
O1 GOL F . -14.93 15.64 -3.85
C2 GOL F . -16.23 17.70 -3.74
O2 GOL F . -15.89 18.36 -4.94
C3 GOL F . -17.47 16.84 -3.93
O3 GOL F . -18.23 17.29 -5.04
C1 S19 G . 10.39 -32.58 9.77
C2 S19 G . 9.42 -32.12 10.82
C3 S19 G . 8.26 -32.82 11.07
C4 S19 G . 7.36 -32.41 12.02
C5 S19 G . 7.58 -31.25 12.74
N6 S19 G . 6.64 -30.85 13.73
C7 S19 G . 6.51 -29.59 14.34
N8 S19 G . 7.41 -28.60 14.12
C9 S19 G . 7.18 -27.41 14.75
N10 S19 G . 8.09 -26.43 14.53
C11 S19 G . 9.14 -26.48 13.53
C12 S19 G . 10.33 -25.65 13.99
C13 S19 G . 11.46 -25.87 13.00
O14 S19 G . 11.01 -25.44 11.72
C15 S19 G . 9.97 -26.26 11.21
C16 S19 G . 8.73 -26.09 12.12
N17 S19 G . 8.29 -24.70 12.00
N18 S19 G . 6.15 -27.14 15.54
C19 S19 G . 5.28 -28.12 15.74
C20 S19 G . 5.37 -29.38 15.18
C21 S19 G . 4.35 -30.39 15.46
N22 S19 G . 3.50 -30.12 16.49
O23 S19 G . 4.25 -31.38 14.75
C24 S19 G . 8.74 -30.55 12.49
C25 S19 G . 9.66 -30.94 11.53
C1 GOL H . 15.76 -23.16 -0.48
O1 GOL H . 14.35 -23.37 -0.60
C2 GOL H . 16.23 -23.42 0.95
O2 GOL H . 15.38 -24.34 1.60
C3 GOL H . 17.68 -23.94 0.97
O3 GOL H . 18.60 -22.88 0.84
#